data_6Y3O
#
_entry.id   6Y3O
#
_cell.length_a   82.509
_cell.length_b   112.497
_cell.length_c   62.433
_cell.angle_alpha   90.000
_cell.angle_beta   90.000
_cell.angle_gamma   90.000
#
_symmetry.space_group_name_H-M   'C 2 2 21'
#
loop_
_entity.id
_entity.type
_entity.pdbx_description
1 polymer '14-3-3 protein sigma'
2 polymer CAMKK2
3 non-polymer 'MAGNESIUM ION'
4 non-polymer 'CALCIUM ION'
5 water water
#
loop_
_entity_poly.entity_id
_entity_poly.type
_entity_poly.pdbx_seq_one_letter_code
_entity_poly.pdbx_strand_id
1 'polypeptide(L)'
;GAMGSMERASLIQKAKLAEQAERYEDMAAFMKGAVEKGEELS(CSO)EERNLLSVAYKNVVGGQRAAWRVLSSIEQKSNE
EGSEEKGPEVREYREKVETELQGVCDTVLGLLDSHLIKEAGDAESRVFYLKMKGDYYRYLAEVATGDDKKRIIDSARSAY
QEAMDISKKEMPPTNPIRLGLALNFSVFHYEIANSPEEAISLAKTTFDEAMADLHTLSEDSYKDSTLIMQLLRDNLTLWT
ADNAGEEGGEAPQEPQS
;
A
2 'polypeptide(L)' RKL(SEP)LQER P
#
# COMPACT_ATOMS: atom_id res chain seq x y z
N GLY A 1 -15.30 -19.68 -2.82
CA GLY A 1 -14.73 -19.07 -1.63
C GLY A 1 -15.53 -19.39 -0.39
N ALA A 2 -14.85 -19.39 0.77
CA ALA A 2 -15.53 -19.72 2.03
C ALA A 2 -16.57 -18.69 2.42
N MET A 3 -16.54 -17.49 1.83
CA MET A 3 -17.53 -16.47 2.11
C MET A 3 -18.66 -16.44 1.09
N GLY A 4 -18.67 -17.41 0.15
CA GLY A 4 -19.66 -17.39 -0.91
C GLY A 4 -21.09 -17.48 -0.42
N SER A 5 -21.30 -18.06 0.75
CA SER A 5 -22.66 -18.22 1.26
C SER A 5 -23.11 -17.06 2.15
N MET A 6 -22.25 -16.09 2.44
CA MET A 6 -22.62 -15.00 3.32
C MET A 6 -23.05 -13.77 2.52
N GLU A 7 -24.10 -13.10 2.99
CA GLU A 7 -24.58 -11.87 2.36
C GLU A 7 -23.49 -10.81 2.28
N ARG A 8 -23.45 -10.09 1.16
CA ARG A 8 -22.53 -8.96 1.03
C ARG A 8 -22.62 -8.02 2.23
N ALA A 9 -23.82 -7.63 2.61
CA ALA A 9 -23.97 -6.68 3.73
C ALA A 9 -23.46 -7.27 5.03
N SER A 10 -23.65 -8.58 5.23
CA SER A 10 -23.15 -9.23 6.44
C SER A 10 -21.62 -9.28 6.46
N LEU A 11 -21.01 -9.50 5.30
CA LEU A 11 -19.55 -9.46 5.22
C LEU A 11 -19.03 -8.08 5.58
N ILE A 12 -19.67 -7.03 5.08
CA ILE A 12 -19.23 -5.68 5.40
C ILE A 12 -19.41 -5.39 6.88
N GLN A 13 -20.57 -5.78 7.43
CA GLN A 13 -20.80 -5.59 8.86
C GLN A 13 -19.75 -6.33 9.69
N LYS A 14 -19.40 -7.55 9.30
CA LYS A 14 -18.42 -8.31 10.08
C LYS A 14 -17.01 -7.78 9.88
N ALA A 15 -16.69 -7.24 8.70
CA ALA A 15 -15.41 -6.57 8.53
C ALA A 15 -15.25 -5.43 9.53
N LYS A 16 -16.32 -4.64 9.73
CA LYS A 16 -16.25 -3.55 10.70
C LYS A 16 -16.10 -4.09 12.12
N LEU A 17 -16.78 -5.19 12.45
CA LEU A 17 -16.61 -5.78 13.78
C LEU A 17 -15.19 -6.31 13.96
N ALA A 18 -14.66 -6.94 12.92
CA ALA A 18 -13.30 -7.46 12.99
C ALA A 18 -12.30 -6.34 13.20
N GLU A 19 -12.51 -5.19 12.55
CA GLU A 19 -11.63 -4.05 12.78
C GLU A 19 -11.67 -3.61 14.24
N GLN A 20 -12.87 -3.52 14.83
CA GLN A 20 -12.96 -3.14 16.24
C GLN A 20 -12.27 -4.13 17.15
N ALA A 21 -12.31 -5.41 16.81
CA ALA A 21 -11.67 -6.48 17.58
C ALA A 21 -10.20 -6.65 17.25
N GLU A 22 -9.67 -5.84 16.32
CA GLU A 22 -8.28 -5.95 15.85
C GLU A 22 -7.98 -7.33 15.28
N ARG A 23 -8.99 -7.89 14.59
CA ARG A 23 -8.88 -9.21 13.97
C ARG A 23 -8.71 -9.00 12.46
N TYR A 24 -7.50 -8.61 12.07
CA TYR A 24 -7.31 -8.10 10.71
C TYR A 24 -7.28 -9.22 9.67
N GLU A 25 -6.81 -10.41 10.02
CA GLU A 25 -6.95 -11.55 9.12
C GLU A 25 -8.41 -11.83 8.81
N ASP A 26 -9.26 -11.85 9.85
CA ASP A 26 -10.69 -12.01 9.62
C ASP A 26 -11.23 -10.87 8.76
N MET A 27 -10.83 -9.66 9.08
CA MET A 27 -11.30 -8.50 8.34
C MET A 27 -10.98 -8.63 6.87
N ALA A 28 -9.76 -9.07 6.55
CA ALA A 28 -9.36 -9.23 5.16
C ALA A 28 -10.16 -10.32 4.47
N ALA A 29 -10.41 -11.44 5.16
CA ALA A 29 -11.21 -12.51 4.58
C ALA A 29 -12.63 -12.05 4.29
N PHE A 30 -13.20 -11.26 5.20
CA PHE A 30 -14.55 -10.74 4.99
C PHE A 30 -14.57 -9.82 3.78
N MET A 31 -13.60 -8.90 3.69
CA MET A 31 -13.58 -7.95 2.58
C MET A 31 -13.28 -8.63 1.25
N LYS A 32 -12.41 -9.65 1.27
CA LYS A 32 -12.23 -10.47 0.07
C LYS A 32 -13.55 -11.08 -0.36
N GLY A 33 -14.32 -11.63 0.60
CA GLY A 33 -15.63 -12.14 0.27
C GLY A 33 -16.55 -11.09 -0.32
N ALA A 34 -16.54 -9.87 0.24
CA ALA A 34 -17.37 -8.79 -0.30
C ALA A 34 -16.95 -8.43 -1.72
N VAL A 35 -15.64 -8.30 -1.98
CA VAL A 35 -15.20 -8.00 -3.34
C VAL A 35 -15.68 -9.07 -4.30
N GLU A 36 -15.58 -10.34 -3.89
CA GLU A 36 -15.92 -11.44 -4.79
C GLU A 36 -17.42 -11.55 -5.07
N LYS A 37 -18.25 -10.77 -4.39
CA LYS A 37 -19.65 -10.67 -4.79
C LYS A 37 -19.80 -10.04 -6.16
N GLY A 38 -18.78 -9.34 -6.66
CA GLY A 38 -18.80 -8.81 -8.01
C GLY A 38 -19.27 -7.38 -8.14
N GLU A 39 -19.82 -6.79 -7.10
CA GLU A 39 -20.29 -5.40 -7.15
C GLU A 39 -19.12 -4.46 -6.87
N GLU A 40 -19.23 -3.24 -7.39
CA GLU A 40 -18.23 -2.23 -7.07
C GLU A 40 -18.30 -1.89 -5.58
N LEU A 41 -17.20 -1.33 -5.07
CA LEU A 41 -17.09 -0.95 -3.67
C LEU A 41 -17.32 0.54 -3.50
N SER A 42 -18.05 0.89 -2.45
CA SER A 42 -18.20 2.28 -2.06
C SER A 42 -16.88 2.83 -1.50
N GLU A 44 -16.28 3.95 1.58
CA GLU A 44 -16.08 3.33 2.88
C GLU A 44 -15.62 1.89 2.74
N GLU A 45 -16.20 1.16 1.79
CA GLU A 45 -15.82 -0.24 1.61
C GLU A 45 -14.40 -0.36 1.08
N ARG A 46 -14.00 0.52 0.15
CA ARG A 46 -12.62 0.53 -0.32
C ARG A 46 -11.66 0.72 0.84
N ASN A 47 -11.99 1.62 1.76
CA ASN A 47 -11.14 1.85 2.92
C ASN A 47 -11.08 0.60 3.81
N LEU A 48 -12.20 -0.11 3.96
CA LEU A 48 -12.18 -1.33 4.78
C LEU A 48 -11.26 -2.38 4.17
N LEU A 49 -11.33 -2.54 2.84
CA LEU A 49 -10.45 -3.46 2.14
C LEU A 49 -8.99 -3.10 2.38
N SER A 50 -8.67 -1.81 2.22
CA SER A 50 -7.29 -1.34 2.36
C SER A 50 -6.80 -1.49 3.80
N VAL A 51 -7.61 -1.09 4.78
CA VAL A 51 -7.21 -1.22 6.18
C VAL A 51 -6.90 -2.67 6.52
N ALA A 52 -7.77 -3.59 6.10
CA ALA A 52 -7.60 -5.00 6.44
C ALA A 52 -6.28 -5.54 5.91
N TYR A 53 -6.05 -5.40 4.60
CA TYR A 53 -4.85 -6.01 4.03
C TYR A 53 -3.58 -5.25 4.42
N LYS A 54 -3.68 -3.94 4.66
CA LYS A 54 -2.48 -3.21 5.09
C LYS A 54 -2.00 -3.71 6.44
N ASN A 55 -2.93 -4.01 7.34
CA ASN A 55 -2.57 -4.54 8.65
C ASN A 55 -2.01 -5.95 8.55
N VAL A 56 -2.63 -6.80 7.72
CA VAL A 56 -2.13 -8.15 7.56
C VAL A 56 -0.72 -8.13 6.99
N VAL A 57 -0.55 -7.45 5.85
CA VAL A 57 0.76 -7.47 5.21
C VAL A 57 1.77 -6.67 6.03
N GLY A 58 1.30 -5.68 6.80
CA GLY A 58 2.22 -4.94 7.68
C GLY A 58 2.88 -5.82 8.72
N GLY A 59 2.10 -6.71 9.34
CA GLY A 59 2.69 -7.67 10.27
C GLY A 59 3.66 -8.61 9.59
N GLN A 60 3.32 -9.07 8.39
CA GLN A 60 4.20 -9.98 7.67
C GLN A 60 5.50 -9.30 7.30
N ARG A 61 5.42 -8.03 6.87
CA ARG A 61 6.61 -7.30 6.47
C ARG A 61 7.52 -7.04 7.67
N ALA A 62 6.93 -6.68 8.81
CA ALA A 62 7.70 -6.49 10.03
C ALA A 62 8.41 -7.76 10.42
N ALA A 63 7.74 -8.91 10.31
CA ALA A 63 8.37 -10.17 10.67
C ALA A 63 9.46 -10.55 9.68
N TRP A 64 9.20 -10.32 8.40
CA TRP A 64 10.21 -10.59 7.38
C TRP A 64 11.47 -9.77 7.63
N ARG A 65 11.31 -8.52 8.05
CA ARG A 65 12.47 -7.67 8.30
C ARG A 65 13.28 -8.16 9.48
N VAL A 66 12.61 -8.58 10.56
CA VAL A 66 13.31 -9.17 11.70
C VAL A 66 14.11 -10.39 11.26
N LEU A 67 13.45 -11.31 10.56
CA LEU A 67 14.10 -12.56 10.17
C LEU A 67 15.21 -12.31 9.16
N SER A 68 15.00 -11.40 8.21
CA SER A 68 16.05 -11.06 7.25
C SER A 68 17.29 -10.49 7.93
N SER A 69 17.08 -9.65 8.94
CA SER A 69 18.20 -9.08 9.68
C SER A 69 18.98 -10.16 10.42
N ILE A 70 18.27 -11.12 11.02
CA ILE A 70 18.95 -12.23 11.68
C ILE A 70 19.72 -13.06 10.66
N GLU A 71 19.09 -13.32 9.52
CA GLU A 71 19.74 -14.10 8.47
C GLU A 71 21.01 -13.42 7.98
N GLN A 72 20.97 -12.09 7.79
CA GLN A 72 22.14 -11.38 7.34
C GLN A 72 23.27 -11.45 8.36
N LYS A 73 22.93 -11.32 9.65
CA LYS A 73 23.95 -11.42 10.69
C LYS A 73 24.58 -12.81 10.70
N SER A 74 23.77 -13.86 10.48
CA SER A 74 24.29 -15.22 10.49
C SER A 74 25.25 -15.47 9.34
N ASN A 75 25.24 -14.63 8.30
CA ASN A 75 26.08 -14.80 7.13
C ASN A 75 27.28 -13.88 7.13
N GLU A 76 27.82 -13.59 8.32
CA GLU A 76 29.01 -12.75 8.44
C GLU A 76 30.23 -13.62 8.71
N GLY A 78 32.63 -14.56 10.86
CA GLY A 78 32.85 -14.80 12.27
C GLY A 78 31.63 -15.37 12.97
N SER A 79 30.53 -15.41 12.23
CA SER A 79 29.28 -15.96 12.77
C SER A 79 29.38 -17.48 12.85
N GLU A 80 28.67 -18.05 13.81
CA GLU A 80 28.62 -19.50 13.97
C GLU A 80 27.48 -20.05 13.14
N GLU A 81 27.76 -21.13 12.41
CA GLU A 81 26.74 -21.77 11.59
C GLU A 81 25.65 -22.37 12.47
N LYS A 82 24.39 -22.07 12.16
CA LYS A 82 23.28 -22.58 12.95
C LYS A 82 22.33 -23.48 12.16
N GLY A 83 22.67 -23.81 10.91
CA GLY A 83 21.83 -24.65 10.10
C GLY A 83 20.93 -23.86 9.19
N PRO A 84 20.02 -24.54 8.49
CA PRO A 84 19.16 -23.88 7.52
C PRO A 84 17.93 -23.20 8.12
N GLU A 85 17.79 -23.19 9.44
CA GLU A 85 16.49 -22.88 10.03
C GLU A 85 16.10 -21.41 9.82
N VAL A 86 17.05 -20.48 9.99
CA VAL A 86 16.71 -19.06 9.81
C VAL A 86 16.25 -18.80 8.39
N ARG A 87 17.01 -19.31 7.40
CA ARG A 87 16.62 -19.15 6.01
C ARG A 87 15.27 -19.79 5.74
N GLU A 88 15.06 -21.01 6.26
CA GLU A 88 13.80 -21.71 6.04
C GLU A 88 12.62 -20.90 6.56
N TYR A 89 12.75 -20.36 7.77
CA TYR A 89 11.63 -19.66 8.38
C TYR A 89 11.43 -18.28 7.72
N ARG A 90 12.51 -17.58 7.38
CA ARG A 90 12.38 -16.36 6.61
C ARG A 90 11.66 -16.64 5.29
N GLU A 91 12.03 -17.74 4.62
CA GLU A 91 11.35 -18.13 3.38
C GLU A 91 9.88 -18.41 3.60
N LYS A 92 9.54 -19.04 4.73
CA LYS A 92 8.14 -19.33 5.02
C LYS A 92 7.33 -18.05 5.15
N VAL A 93 7.84 -17.10 5.94
CA VAL A 93 7.16 -15.81 6.10
C VAL A 93 7.10 -15.08 4.76
N GLU A 94 8.19 -15.12 4.00
CA GLU A 94 8.23 -14.47 2.68
C GLU A 94 7.17 -15.03 1.75
N THR A 95 7.05 -16.35 1.70
CA THR A 95 6.05 -16.97 0.83
C THR A 95 4.63 -16.56 1.25
N GLU A 96 4.37 -16.50 2.55
CA GLU A 96 3.04 -16.10 3.00
C GLU A 96 2.76 -14.66 2.63
N LEU A 97 3.75 -13.78 2.81
CA LEU A 97 3.65 -12.37 2.41
C LEU A 97 3.35 -12.26 0.92
N GLN A 98 4.12 -12.99 0.11
CA GLN A 98 3.90 -12.95 -1.34
C GLN A 98 2.50 -13.43 -1.68
N GLY A 99 2.01 -14.43 -0.95
CA GLY A 99 0.66 -14.92 -1.18
C GLY A 99 -0.40 -13.86 -0.90
N VAL A 100 -0.22 -13.08 0.17
CA VAL A 100 -1.18 -12.02 0.47
C VAL A 100 -1.12 -10.94 -0.59
N CYS A 101 0.09 -10.54 -1.01
CA CYS A 101 0.19 -9.55 -2.09
C CYS A 101 -0.48 -10.07 -3.35
N ASP A 102 -0.25 -11.35 -3.69
CA ASP A 102 -0.85 -11.90 -4.89
C ASP A 102 -2.37 -11.92 -4.78
N THR A 103 -2.89 -12.17 -3.58
CA THR A 103 -4.34 -12.14 -3.38
C THR A 103 -4.89 -10.75 -3.66
N VAL A 104 -4.25 -9.71 -3.10
CA VAL A 104 -4.73 -8.35 -3.28
C VAL A 104 -4.62 -7.94 -4.74
N GLY A 106 -4.67 -9.70 -7.24
CA GLY A 106 -5.68 -10.55 -7.83
C GLY A 106 -7.07 -9.96 -7.77
N LEU A 107 -7.45 -9.45 -6.59
CA LEU A 107 -8.73 -8.78 -6.46
C LEU A 107 -8.77 -7.52 -7.33
N LEU A 108 -7.65 -6.80 -7.38
CA LEU A 108 -7.60 -5.59 -8.20
C LEU A 108 -7.74 -5.94 -9.67
N ASP A 109 -7.13 -7.04 -10.08
CA ASP A 109 -7.19 -7.44 -11.48
C ASP A 109 -8.49 -8.13 -11.85
N SER A 110 -9.21 -8.69 -10.87
CA SER A 110 -10.42 -9.48 -11.14
C SER A 110 -11.49 -9.13 -10.09
N HIS A 111 -12.17 -8.00 -10.25
CA HIS A 111 -12.11 -7.13 -11.43
C HIS A 111 -12.26 -5.67 -11.02
N LEU A 112 -11.66 -5.29 -9.88
CA LEU A 112 -11.93 -3.96 -9.31
C LEU A 112 -11.48 -2.84 -10.25
N ILE A 113 -10.27 -2.94 -10.80
CA ILE A 113 -9.73 -1.81 -11.53
C ILE A 113 -10.50 -1.60 -12.83
N LYS A 114 -10.82 -2.68 -13.54
CA LYS A 114 -11.45 -2.49 -14.84
C LYS A 114 -12.85 -1.89 -14.71
N GLU A 115 -13.50 -2.03 -13.56
CA GLU A 115 -14.81 -1.41 -13.38
C GLU A 115 -14.74 -0.04 -12.70
N ALA A 116 -13.56 0.41 -12.29
CA ALA A 116 -13.41 1.68 -11.58
C ALA A 116 -13.26 2.81 -12.59
N GLY A 117 -14.28 3.67 -12.68
CA GLY A 117 -14.28 4.75 -13.65
C GLY A 117 -14.11 6.13 -13.05
N ASP A 118 -14.60 6.31 -11.83
CA ASP A 118 -14.42 7.58 -11.17
C ASP A 118 -12.98 7.73 -10.67
N ALA A 119 -12.51 8.98 -10.66
CA ALA A 119 -11.12 9.21 -10.27
C ALA A 119 -10.83 8.69 -8.86
N GLU A 120 -11.76 8.89 -7.92
CA GLU A 120 -11.50 8.50 -6.52
C GLU A 120 -11.33 7.00 -6.39
N SER A 121 -12.12 6.22 -7.12
CA SER A 121 -11.97 4.78 -7.05
C SER A 121 -10.75 4.31 -7.83
N ARG A 122 -10.58 4.83 -9.06
CA ARG A 122 -9.51 4.36 -9.93
C ARG A 122 -8.14 4.69 -9.36
N VAL A 123 -7.95 5.92 -8.86
CA VAL A 123 -6.66 6.28 -8.25
C VAL A 123 -6.40 5.44 -7.01
N PHE A 124 -7.44 5.23 -6.18
CA PHE A 124 -7.30 4.40 -4.98
C PHE A 124 -6.81 3.00 -5.32
N TYR A 125 -7.41 2.36 -6.32
CA TYR A 125 -7.03 0.99 -6.65
C TYR A 125 -5.66 0.94 -7.31
N LEU A 126 -5.35 1.90 -8.17
CA LEU A 126 -4.04 1.87 -8.82
C LEU A 126 -2.94 2.14 -7.81
N LYS A 127 -3.19 3.03 -6.85
CA LYS A 127 -2.22 3.21 -5.77
C LYS A 127 -2.03 1.91 -5.00
N MET A 128 -3.13 1.20 -4.71
CA MET A 128 -3.03 -0.09 -4.03
C MET A 128 -2.18 -1.07 -4.84
N LYS A 129 -2.41 -1.11 -6.15
CA LYS A 129 -1.64 -1.98 -7.02
C LYS A 129 -0.16 -1.64 -6.94
N GLY A 130 0.16 -0.34 -6.99
CA GLY A 130 1.55 0.06 -6.80
C GLY A 130 2.10 -0.39 -5.45
N ASP A 131 1.31 -0.22 -4.38
CA ASP A 131 1.77 -0.55 -3.04
C ASP A 131 2.10 -2.04 -2.93
N TYR A 132 1.22 -2.90 -3.46
CA TYR A 132 1.45 -4.33 -3.24
C TYR A 132 2.53 -4.88 -4.16
N TYR A 133 2.72 -4.30 -5.36
CA TYR A 133 3.93 -4.62 -6.11
C TYR A 133 5.17 -4.11 -5.40
N ARG A 134 5.07 -2.96 -4.72
CA ARG A 134 6.21 -2.48 -3.95
C ARG A 134 6.57 -3.44 -2.81
N TYR A 135 5.56 -4.00 -2.14
CA TYR A 135 5.85 -4.98 -1.09
C TYR A 135 6.49 -6.23 -1.69
N LEU A 136 6.04 -6.65 -2.88
CA LEU A 136 6.72 -7.76 -3.55
C LEU A 136 8.16 -7.38 -3.89
N ALA A 137 8.39 -6.13 -4.30
CA ALA A 137 9.74 -5.71 -4.63
C ALA A 137 10.65 -5.72 -3.41
N GLU A 138 10.10 -5.44 -2.23
CA GLU A 138 10.92 -5.38 -1.01
C GLU A 138 11.61 -6.70 -0.71
N VAL A 139 11.00 -7.82 -1.11
CA VAL A 139 11.55 -9.14 -0.83
C VAL A 139 12.10 -9.82 -2.07
N ALA A 140 11.98 -9.19 -3.24
CA ALA A 140 12.40 -9.79 -4.49
C ALA A 140 13.93 -9.78 -4.60
N THR A 141 14.48 -10.90 -5.09
CA THR A 141 15.92 -11.02 -5.31
C THR A 141 16.25 -11.70 -6.63
N GLY A 142 15.26 -12.13 -7.40
CA GLY A 142 15.47 -13.01 -8.53
C GLY A 142 15.41 -12.31 -9.87
N ASP A 143 15.14 -13.12 -10.91
CA ASP A 143 15.14 -12.62 -12.28
C ASP A 143 13.98 -11.68 -12.57
N ASP A 144 12.95 -11.66 -11.74
CA ASP A 144 11.79 -10.81 -11.98
C ASP A 144 11.78 -9.55 -11.13
N LYS A 145 12.85 -9.29 -10.35
CA LYS A 145 12.85 -8.12 -9.49
C LYS A 145 12.65 -6.84 -10.30
N LYS A 146 13.33 -6.73 -11.45
CA LYS A 146 13.16 -5.53 -12.27
C LYS A 146 11.74 -5.42 -12.79
N ARG A 147 11.14 -6.55 -13.19
CA ARG A 147 9.79 -6.48 -13.72
C ARG A 147 8.79 -6.13 -12.62
N ILE A 148 9.03 -6.62 -11.40
CA ILE A 148 8.17 -6.29 -10.26
C ILE A 148 8.24 -4.80 -9.98
N ILE A 149 9.45 -4.25 -9.94
CA ILE A 149 9.63 -2.82 -9.72
C ILE A 149 8.93 -2.02 -10.81
N ASP A 150 9.02 -2.46 -12.07
CA ASP A 150 8.37 -1.70 -13.12
C ASP A 150 6.85 -1.79 -13.03
N SER A 151 6.31 -2.93 -12.57
CA SER A 151 4.88 -3.01 -12.35
C SER A 151 4.43 -2.02 -11.28
N ALA A 152 5.17 -1.92 -10.18
CA ALA A 152 4.84 -0.90 -9.18
C ALA A 152 4.89 0.50 -9.79
N ARG A 153 5.98 0.81 -10.49
N ARG A 153 5.99 0.81 -10.48
CA ARG A 153 6.14 2.13 -11.09
CA ARG A 153 6.15 2.13 -11.09
C ARG A 153 5.00 2.45 -12.06
C ARG A 153 5.00 2.45 -12.06
N SER A 154 4.65 1.49 -12.91
CA SER A 154 3.61 1.71 -13.91
C SER A 154 2.26 1.98 -13.24
N ALA A 155 1.92 1.22 -12.20
CA ALA A 155 0.66 1.45 -11.50
C ALA A 155 0.63 2.83 -10.85
N TYR A 156 1.69 3.17 -10.12
CA TYR A 156 1.79 4.49 -9.50
C TYR A 156 1.70 5.59 -10.55
N GLN A 157 2.37 5.41 -11.69
CA GLN A 157 2.39 6.46 -12.70
C GLN A 157 0.99 6.69 -13.28
N GLU A 158 0.25 5.62 -13.56
CA GLU A 158 -1.11 5.81 -14.07
C GLU A 158 -1.97 6.51 -13.03
N ALA A 159 -1.85 6.11 -11.76
CA ALA A 159 -2.59 6.76 -10.69
C ALA A 159 -2.23 8.24 -10.61
N MET A 160 -0.93 8.54 -10.70
CA MET A 160 -0.48 9.93 -10.64
C MET A 160 -1.08 10.75 -11.78
N ASP A 161 -1.03 10.21 -13.00
CA ASP A 161 -1.55 10.94 -14.15
C ASP A 161 -3.03 11.28 -13.97
N ILE A 162 -3.82 10.31 -13.51
CA ILE A 162 -5.25 10.55 -13.27
C ILE A 162 -5.45 11.57 -12.16
N SER A 163 -4.69 11.42 -11.07
CA SER A 163 -4.88 12.30 -9.91
C SER A 163 -4.54 13.74 -10.24
N LYS A 164 -3.51 13.96 -11.07
CA LYS A 164 -3.15 15.33 -11.42
C LYS A 164 -4.19 15.95 -12.34
N LYS A 165 -4.83 15.14 -13.19
CA LYS A 165 -5.83 15.68 -14.09
C LYS A 165 -7.19 15.86 -13.43
N GLU A 166 -7.57 14.99 -12.49
CA GLU A 166 -8.95 14.91 -12.03
C GLU A 166 -9.17 15.31 -10.58
N MET A 167 -8.12 15.56 -9.80
CA MET A 167 -8.30 15.83 -8.38
C MET A 167 -7.58 17.11 -8.01
N PRO A 168 -8.08 17.85 -7.02
CA PRO A 168 -7.36 19.03 -6.53
C PRO A 168 -6.08 18.60 -5.81
N PRO A 169 -5.09 19.50 -5.71
CA PRO A 169 -3.81 19.11 -5.09
C PRO A 169 -3.90 18.78 -3.62
N THR A 170 -4.99 19.13 -2.96
CA THR A 170 -5.19 18.80 -1.56
C THR A 170 -5.95 17.51 -1.35
N ASN A 171 -6.42 16.86 -2.41
CA ASN A 171 -7.21 15.65 -2.25
C ASN A 171 -6.42 14.61 -1.45
N PRO A 172 -6.98 14.08 -0.35
CA PRO A 172 -6.20 13.14 0.48
C PRO A 172 -5.75 11.90 -0.27
N ILE A 173 -6.53 11.40 -1.23
CA ILE A 173 -6.07 10.24 -1.99
C ILE A 173 -4.88 10.62 -2.84
N ARG A 174 -4.95 11.78 -3.49
CA ARG A 174 -3.83 12.27 -4.29
C ARG A 174 -2.59 12.47 -3.43
N LEU A 175 -2.76 13.04 -2.24
CA LEU A 175 -1.61 13.25 -1.35
C LEU A 175 -0.99 11.93 -0.89
N GLY A 176 -1.82 10.97 -0.48
CA GLY A 176 -1.29 9.68 -0.03
C GLY A 176 -0.62 8.90 -1.15
N LEU A 177 -1.15 9.01 -2.37
CA LEU A 177 -0.49 8.42 -3.53
C LEU A 177 0.88 9.04 -3.75
N ALA A 178 0.97 10.37 -3.72
CA ALA A 178 2.25 11.03 -3.93
C ALA A 178 3.24 10.66 -2.83
N LEU A 179 2.77 10.60 -1.58
CA LEU A 179 3.64 10.16 -0.49
C LEU A 179 4.22 8.77 -0.76
N ASN A 180 3.36 7.83 -1.16
CA ASN A 180 3.83 6.46 -1.34
C ASN A 180 4.69 6.31 -2.59
N PHE A 181 4.35 7.00 -3.68
CA PHE A 181 5.21 6.97 -4.87
C PHE A 181 6.58 7.57 -4.55
N SER A 182 6.61 8.62 -3.72
CA SER A 182 7.88 9.18 -3.27
C SER A 182 8.68 8.16 -2.48
N VAL A 183 8.01 7.37 -1.62
CA VAL A 183 8.71 6.32 -0.88
C VAL A 183 9.21 5.23 -1.84
N PHE A 184 8.41 4.89 -2.85
CA PHE A 184 8.87 3.96 -3.88
C PHE A 184 10.17 4.45 -4.51
N HIS A 185 10.22 5.73 -4.91
CA HIS A 185 11.43 6.26 -5.51
C HIS A 185 12.62 6.15 -4.56
N TYR A 186 12.40 6.45 -3.27
CA TYR A 186 13.49 6.50 -2.31
C TYR A 186 13.98 5.10 -1.95
N GLU A 187 13.04 4.20 -1.64
CA GLU A 187 13.35 2.90 -1.02
C GLU A 187 13.55 1.77 -2.02
N ILE A 188 12.90 1.86 -3.18
CA ILE A 188 12.86 0.77 -4.15
C ILE A 188 13.65 1.12 -5.41
N ALA A 189 13.41 2.30 -5.98
CA ALA A 189 13.95 2.66 -7.28
C ALA A 189 15.32 3.35 -7.21
N ASN A 190 15.92 3.47 -6.02
CA ASN A 190 17.24 4.08 -5.91
C ASN A 190 17.24 5.50 -6.50
N SER A 191 16.15 6.23 -6.30
CA SER A 191 15.99 7.58 -6.87
C SER A 191 15.62 8.57 -5.76
N PRO A 192 16.54 8.80 -4.80
CA PRO A 192 16.21 9.76 -3.73
C PRO A 192 15.91 11.15 -4.24
N GLU A 193 16.58 11.60 -5.30
CA GLU A 193 16.28 12.95 -5.76
C GLU A 193 14.87 13.07 -6.31
N GLU A 194 14.41 12.04 -7.02
CA GLU A 194 13.02 12.04 -7.49
C GLU A 194 12.05 11.98 -6.31
N ALA A 195 12.38 11.17 -5.29
CA ALA A 195 11.55 11.10 -4.08
C ALA A 195 11.39 12.47 -3.44
N ILE A 196 12.50 13.18 -3.26
CA ILE A 196 12.48 14.48 -2.60
C ILE A 196 11.73 15.50 -3.45
N SER A 197 12.02 15.53 -4.76
CA SER A 197 11.33 16.46 -5.64
CA SER A 197 11.32 16.45 -5.66
C SER A 197 9.82 16.23 -5.62
N LEU A 198 9.40 14.96 -5.69
CA LEU A 198 7.97 14.68 -5.68
C LEU A 198 7.33 15.11 -4.38
N ALA A 199 7.97 14.80 -3.25
CA ALA A 199 7.39 15.15 -1.96
C ALA A 199 7.30 16.66 -1.79
N LYS A 200 8.34 17.38 -2.21
CA LYS A 200 8.35 18.83 -2.07
C LYS A 200 7.30 19.50 -2.96
N THR A 201 7.22 19.12 -4.23
CA THR A 201 6.23 19.71 -5.13
C THR A 201 4.81 19.39 -4.67
N THR A 202 4.58 18.15 -4.22
CA THR A 202 3.26 17.78 -3.71
C THR A 202 2.89 18.63 -2.51
N PHE A 203 3.83 18.81 -1.58
CA PHE A 203 3.58 19.62 -0.39
C PHE A 203 3.24 21.05 -0.77
N ASP A 204 4.08 21.66 -1.63
CA ASP A 204 3.93 23.07 -1.97
C ASP A 204 2.60 23.32 -2.69
N GLU A 205 2.24 22.44 -3.62
CA GLU A 205 1.00 22.64 -4.37
C GLU A 205 -0.22 22.43 -3.46
N ALA A 206 -0.12 21.53 -2.50
CA ALA A 206 -1.21 21.38 -1.53
C ALA A 206 -1.33 22.62 -0.66
N MET A 207 -0.19 23.12 -0.16
CA MET A 207 -0.19 24.34 0.65
C MET A 207 -0.96 25.47 -0.02
N ALA A 208 -0.71 25.67 -1.31
CA ALA A 208 -1.32 26.75 -2.06
C ALA A 208 -2.81 26.57 -2.27
N ASP A 209 -3.34 25.37 -2.05
CA ASP A 209 -4.75 25.06 -2.27
C ASP A 209 -5.54 24.95 -0.98
N LEU A 210 -4.88 25.03 0.19
CA LEU A 210 -5.56 24.87 1.47
C LEU A 210 -6.63 25.92 1.68
N HIS A 211 -6.47 27.11 1.09
CA HIS A 211 -7.41 28.20 1.33
C HIS A 211 -8.81 27.87 0.84
N THR A 212 -8.94 26.89 -0.06
CA THR A 212 -10.24 26.54 -0.64
C THR A 212 -11.04 25.59 0.23
N LEU A 213 -10.47 25.10 1.33
CA LEU A 213 -11.00 23.97 2.07
C LEU A 213 -11.80 24.38 3.30
N SER A 214 -12.78 23.55 3.63
CA SER A 214 -13.46 23.62 4.91
C SER A 214 -12.49 23.25 6.03
N GLU A 215 -12.94 23.48 7.27
CA GLU A 215 -12.11 23.12 8.42
C GLU A 215 -11.83 21.63 8.45
N ASP A 216 -12.82 20.79 8.14
CA ASP A 216 -12.59 19.35 8.24
C ASP A 216 -11.69 18.86 7.11
N SER A 217 -11.88 19.38 5.89
CA SER A 217 -11.01 18.99 4.78
C SER A 217 -9.59 19.49 5.01
N TYR A 218 -9.46 20.68 5.60
CA TYR A 218 -8.15 21.22 5.96
C TYR A 218 -7.41 20.28 6.89
N LYS A 219 -8.09 19.76 7.90
CA LYS A 219 -7.44 18.82 8.81
C LYS A 219 -7.02 17.54 8.08
N ASP A 220 -7.90 17.03 7.21
CA ASP A 220 -7.56 15.82 6.45
C ASP A 220 -6.32 16.03 5.60
N SER A 221 -6.25 17.16 4.90
CA SER A 221 -5.14 17.38 3.97
C SER A 221 -3.84 17.70 4.71
N THR A 222 -3.90 18.53 5.75
CA THR A 222 -2.66 18.89 6.44
C THR A 222 -2.07 17.69 7.17
N LEU A 223 -2.91 16.72 7.56
CA LEU A 223 -2.37 15.51 8.19
C LEU A 223 -1.42 14.79 7.23
N ILE A 224 -1.82 14.63 5.97
CA ILE A 224 -0.94 13.92 5.05
C ILE A 224 0.22 14.80 4.63
N MET A 225 0.00 16.11 4.52
CA MET A 225 1.09 17.03 4.23
C MET A 225 2.19 16.91 5.28
N GLN A 226 1.81 16.71 6.55
CA GLN A 226 2.81 16.56 7.60
C GLN A 226 3.66 15.31 7.38
N LEU A 227 3.05 14.24 6.86
CA LEU A 227 3.82 13.03 6.55
C LEU A 227 4.82 13.28 5.42
N LEU A 228 4.43 14.06 4.41
CA LEU A 228 5.38 14.47 3.39
C LEU A 228 6.53 15.25 4.00
N ARG A 229 6.21 16.23 4.86
CA ARG A 229 7.23 17.03 5.52
C ARG A 229 8.14 16.16 6.39
N ASP A 230 7.56 15.21 7.14
CA ASP A 230 8.37 14.32 7.96
C ASP A 230 9.39 13.56 7.12
N ASN A 231 8.98 13.08 5.95
CA ASN A 231 9.93 12.36 5.10
C ASN A 231 11.00 13.31 4.55
N LEU A 232 10.58 14.49 4.09
CA LEU A 232 11.55 15.48 3.61
C LEU A 232 12.57 15.84 4.68
N THR A 233 12.11 16.00 5.92
CA THR A 233 13.01 16.28 7.03
C THR A 233 14.02 15.15 7.22
N LEU A 234 13.58 13.92 7.08
CA LEU A 234 14.49 12.79 7.20
C LEU A 234 15.48 12.73 6.05
N TRP A 235 15.02 13.06 4.84
CA TRP A 235 15.82 12.85 3.64
C TRP A 235 16.73 14.01 3.28
N THR A 236 16.61 15.14 3.98
CA THR A 236 17.37 16.34 3.62
C THR A 236 17.97 16.99 4.87
N LYS B 2 6.90 2.90 7.87
CA LYS B 2 7.20 4.07 8.67
C LYS B 2 7.23 5.34 7.79
N LEU B 3 7.63 5.18 6.54
CA LEU B 3 7.69 6.32 5.63
C LEU B 3 6.41 6.43 4.80
N LEU B 5 2.22 5.79 3.77
CA LEU B 5 0.98 6.18 4.42
C LEU B 5 0.56 5.08 5.38
N GLN B 6 0.35 5.45 6.63
CA GLN B 6 0.07 4.47 7.67
C GLN B 6 -1.30 4.73 8.31
#